data_1HVC
#
_entry.id   1HVC
#
_cell.length_a   52.100
_cell.length_b   59.800
_cell.length_c   62.200
_cell.angle_alpha   90.00
_cell.angle_beta   90.00
_cell.angle_gamma   90.00
#
_symmetry.space_group_name_H-M   'P 21 21 21'
#
loop_
_entity.id
_entity.type
_entity.pdbx_description
1 polymer 'HIV-1 PROTEASE'
2 non-polymer N-{1-BENZYL-(2S,3S)-2,3-DIHYDROXY-4-[3-METHYL-2-(3-METHYL-3-PYRIDIN-2-YLMETHYL-UREIDO)-BUTYRYLAMINO]-5-PHENYL-PENTYL}-3-METHYL-2-(3-METHYL-3-PYRIDIN-2-YLMETHYL-UREIDO)-BUTYRAMIDE
3 water water
#
_entity_poly.entity_id   1
_entity_poly.type   'polypeptide(L)'
_entity_poly.pdbx_seq_one_letter_code
;PQITLWQRPLVTIRIGGQLKEALLDTGADDTVLEEMNLPGKWKPKMIGGIGGFIKVRQYDQILIEICGHKAIGTVLVGPT
PVNIIGRNLLTQIGCTLNFGGSSGPQITLWQRPLVTIKIGGQLKEALLDTGADDTVLEEMSLPGRWKPKMIGGIGGFIKV
RQYDQILIEICGHKAIGTVLVGPTPVNIIGRNLLTQIGCTLNF
;
_entity_poly.pdbx_strand_id   A
#
loop_
_chem_comp.id
_chem_comp.type
_chem_comp.name
_chem_comp.formula
A79 non-polymer N-{1-BENZYL-(2S,3S)-2,3-DIHYDROXY-4-[3-METHYL-2-(3-METHYL-3-PYRIDIN-2-YLMETHYL-UREIDO)-BUTYRYLAMINO]-5-PHENYL-PENTYL}-3-METHYL-2-(3-METHYL-3-PYRIDIN-2-YLMETHYL-UREIDO)-BUTYRAMIDE 'C44 H58 N8 O6'
#
# COMPACT_ATOMS: atom_id res chain seq x y z
N PRO A 1 8.37 7.82 16.07
CA PRO A 1 9.32 7.22 15.13
C PRO A 1 9.09 7.58 13.65
N GLN A 2 10.12 7.35 12.85
CA GLN A 2 10.00 7.48 11.40
C GLN A 2 10.46 6.25 10.64
N ILE A 3 9.67 5.89 9.65
CA ILE A 3 10.00 4.78 8.76
C ILE A 3 10.23 5.32 7.40
N THR A 4 11.42 4.94 6.93
CA THR A 4 11.84 5.15 5.51
C THR A 4 11.31 4.01 4.64
N LEU A 5 11.27 4.31 3.35
CA LEU A 5 10.71 3.38 2.36
C LEU A 5 11.80 2.84 1.41
N TRP A 6 13.09 2.94 1.81
CA TRP A 6 14.16 2.21 1.02
C TRP A 6 13.94 0.71 0.94
N GLN A 7 13.42 0.22 2.05
CA GLN A 7 12.96 -1.15 2.24
C GLN A 7 11.44 -1.27 2.38
N ARG A 8 10.94 -2.50 2.30
CA ARG A 8 9.55 -2.75 2.63
C ARG A 8 9.31 -2.41 4.12
N PRO A 9 8.25 -1.62 4.44
CA PRO A 9 7.97 -1.26 5.82
C PRO A 9 7.30 -2.35 6.61
N LEU A 10 8.11 -3.39 6.88
CA LEU A 10 7.68 -4.52 7.71
C LEU A 10 7.96 -4.29 9.18
N VAL A 11 6.99 -4.59 10.04
CA VAL A 11 7.18 -4.36 11.47
C VAL A 11 6.66 -5.53 12.26
N THR A 12 7.04 -5.57 13.54
CA THR A 12 6.50 -6.60 14.46
C THR A 12 5.21 -6.20 15.10
N ILE A 13 4.20 -7.01 14.94
CA ILE A 13 2.97 -6.77 15.67
C ILE A 13 2.85 -7.80 16.76
N ARG A 14 1.97 -7.57 17.70
CA ARG A 14 1.54 -8.74 18.46
C ARG A 14 0.02 -8.82 18.52
N ILE A 15 -0.47 -10.05 18.42
CA ILE A 15 -1.86 -10.36 18.05
C ILE A 15 -2.23 -11.72 18.66
N GLY A 16 -2.77 -11.68 19.89
CA GLY A 16 -2.45 -12.76 20.87
C GLY A 16 -1.08 -12.52 21.59
N GLY A 17 -0.49 -13.53 22.21
CA GLY A 17 0.88 -13.38 22.81
C GLY A 17 2.06 -13.63 21.86
N GLN A 18 1.70 -13.48 20.59
CA GLN A 18 2.53 -13.83 19.41
C GLN A 18 3.18 -12.59 18.78
N LEU A 19 4.49 -12.58 18.58
CA LEU A 19 5.00 -11.59 17.62
C LEU A 19 4.79 -12.06 16.16
N LYS A 20 4.36 -11.14 15.28
CA LYS A 20 4.33 -11.40 13.83
C LYS A 20 4.94 -10.27 13.10
N GLU A 21 5.40 -10.54 11.91
CA GLU A 21 5.84 -9.49 11.01
C GLU A 21 4.66 -9.04 10.10
N ALA A 22 4.52 -7.73 9.86
CA ALA A 22 3.47 -7.20 8.96
C ALA A 22 3.92 -5.96 8.25
N LEU A 23 3.29 -5.74 7.14
CA LEU A 23 3.61 -4.62 6.27
C LEU A 23 2.72 -3.41 6.57
N LEU A 24 3.41 -2.29 6.77
CA LEU A 24 2.70 -1.03 6.88
C LEU A 24 2.25 -0.49 5.52
N ASP A 25 0.93 -0.56 5.30
CA ASP A 25 0.33 -0.36 3.97
C ASP A 25 -0.75 0.73 3.90
N THR A 26 -0.33 1.87 3.36
CA THR A 26 -1.26 3.00 3.18
C THR A 26 -2.28 2.90 2.04
N GLY A 27 -2.07 1.96 1.12
CA GLY A 27 -3.02 1.78 0.02
C GLY A 27 -4.10 0.75 0.32
N ALA A 28 -3.97 0.05 1.44
CA ALA A 28 -4.99 -0.92 1.88
C ALA A 28 -6.02 -0.29 2.80
N ASP A 29 -7.27 -0.35 2.39
CA ASP A 29 -8.35 0.09 3.31
C ASP A 29 -8.44 -0.72 4.60
N ASP A 30 -8.17 -2.02 4.42
CA ASP A 30 -8.38 -3.08 5.40
C ASP A 30 -7.06 -3.70 5.82
N THR A 31 -7.18 -4.36 6.97
CA THR A 31 -6.10 -5.16 7.54
C THR A 31 -6.31 -6.66 7.29
N VAL A 32 -5.33 -7.26 6.62
CA VAL A 32 -5.38 -8.71 6.26
C VAL A 32 -4.25 -9.53 6.87
N LEU A 33 -4.65 -10.52 7.61
CA LEU A 33 -3.65 -11.39 8.23
C LEU A 33 -3.72 -12.81 7.67
N GLU A 34 -2.56 -13.41 7.72
CA GLU A 34 -2.44 -14.80 7.37
C GLU A 34 -3.38 -15.65 8.17
N GLU A 35 -3.71 -16.78 7.56
CA GLU A 35 -4.40 -17.81 8.29
C GLU A 35 -3.83 -18.12 9.73
N MET A 36 -4.73 -17.99 10.68
CA MET A 36 -4.57 -18.41 12.08
C MET A 36 -5.95 -18.68 12.63
N ASN A 37 -6.01 -19.55 13.61
CA ASN A 37 -7.36 -19.84 14.10
C ASN A 37 -7.68 -19.10 15.41
N LEU A 38 -8.39 -18.00 15.21
CA LEU A 38 -8.98 -17.28 16.33
C LEU A 38 -10.34 -17.80 16.83
N PRO A 39 -10.53 -17.71 18.18
CA PRO A 39 -11.79 -17.98 18.80
C PRO A 39 -12.55 -16.70 18.57
N GLY A 40 -13.85 -16.89 18.48
CA GLY A 40 -14.73 -15.80 18.01
C GLY A 40 -15.54 -16.22 16.80
N LYS A 41 -16.49 -15.36 16.44
CA LYS A 41 -17.16 -15.59 15.16
C LYS A 41 -16.83 -14.50 14.15
N TRP A 42 -17.03 -14.91 12.93
CA TRP A 42 -16.52 -14.18 11.80
C TRP A 42 -17.61 -14.09 10.77
N LYS A 43 -17.42 -13.20 9.84
CA LYS A 43 -18.31 -13.09 8.68
C LYS A 43 -17.48 -13.36 7.41
N PRO A 44 -18.10 -13.95 6.37
CA PRO A 44 -17.37 -14.24 5.16
C PRO A 44 -17.27 -12.94 4.42
N LYS A 45 -16.14 -12.77 3.78
CA LYS A 45 -15.98 -11.57 2.96
C LYS A 45 -15.05 -11.89 1.76
N MET A 46 -15.24 -11.17 0.65
CA MET A 46 -14.32 -11.22 -0.51
C MET A 46 -13.55 -9.93 -0.63
N ILE A 47 -12.20 -9.93 -0.55
CA ILE A 47 -11.45 -8.68 -0.78
C ILE A 47 -10.71 -8.74 -2.10
N GLY A 48 -10.57 -7.62 -2.72
CA GLY A 48 -9.84 -7.56 -3.94
C GLY A 48 -8.56 -6.78 -3.83
N GLY A 49 -7.80 -7.02 -4.88
CA GLY A 49 -6.56 -6.28 -5.12
C GLY A 49 -6.08 -6.40 -6.52
N ILE A 50 -4.77 -6.41 -6.73
CA ILE A 50 -4.22 -6.30 -8.10
C ILE A 50 -4.82 -7.27 -9.12
N GLY A 51 -4.73 -8.51 -8.67
CA GLY A 51 -5.02 -9.60 -9.60
C GLY A 51 -6.33 -10.36 -9.36
N GLY A 52 -7.21 -9.80 -8.54
CA GLY A 52 -8.49 -10.45 -8.26
C GLY A 52 -8.85 -10.46 -6.81
N PHE A 53 -9.78 -11.35 -6.50
CA PHE A 53 -10.38 -11.46 -5.17
C PHE A 53 -9.99 -12.74 -4.45
N ILE A 54 -9.96 -12.69 -3.15
CA ILE A 54 -9.84 -13.91 -2.37
C ILE A 54 -10.90 -13.88 -1.31
N LYS A 55 -11.24 -15.05 -0.78
CA LYS A 55 -12.20 -15.09 0.34
C LYS A 55 -11.48 -15.04 1.66
N VAL A 56 -12.08 -14.29 2.56
CA VAL A 56 -11.49 -14.09 3.87
C VAL A 56 -12.57 -14.21 4.94
N ARG A 57 -12.10 -14.37 6.17
CA ARG A 57 -12.99 -14.32 7.33
C ARG A 57 -12.74 -13.06 8.11
N GLN A 58 -13.84 -12.36 8.31
CA GLN A 58 -13.85 -11.10 9.05
C GLN A 58 -14.11 -11.26 10.57
N TYR A 59 -13.12 -10.88 11.35
CA TYR A 59 -13.22 -10.84 12.82
C TYR A 59 -13.32 -9.40 13.27
N ASP A 60 -14.19 -9.13 14.23
CA ASP A 60 -14.32 -7.72 14.70
C ASP A 60 -13.69 -7.49 16.05
N GLN A 61 -13.24 -6.26 16.33
CA GLN A 61 -12.59 -5.91 17.62
C GLN A 61 -11.39 -6.74 18.03
N ILE A 62 -10.51 -7.00 17.06
CA ILE A 62 -9.22 -7.62 17.41
C ILE A 62 -8.29 -6.48 17.89
N LEU A 63 -7.58 -6.73 18.98
CA LEU A 63 -6.56 -5.80 19.45
C LEU A 63 -5.20 -6.22 18.91
N ILE A 64 -4.47 -5.28 18.37
CA ILE A 64 -3.11 -5.51 17.87
C ILE A 64 -2.17 -4.52 18.54
N GLU A 65 -0.94 -4.89 18.86
CA GLU A 65 0.12 -3.86 19.10
C GLU A 65 1.13 -3.67 17.95
N ILE A 66 1.06 -2.50 17.39
CA ILE A 66 1.93 -2.16 16.28
C ILE A 66 2.97 -1.22 16.81
N CYS A 67 4.20 -1.73 16.92
CA CYS A 67 5.31 -0.85 17.37
C CYS A 67 5.10 -0.18 18.77
N GLY A 68 4.60 -0.97 19.75
CA GLY A 68 4.26 -0.42 21.10
C GLY A 68 2.96 0.43 21.24
N HIS A 69 2.23 0.59 20.09
CA HIS A 69 0.92 1.27 19.96
C HIS A 69 -0.30 0.33 19.77
N LYS A 70 -1.35 0.50 20.61
CA LYS A 70 -2.51 -0.38 20.51
C LYS A 70 -3.50 0.16 19.53
N ALA A 71 -4.18 -0.77 18.89
CA ALA A 71 -5.20 -0.46 17.91
C ALA A 71 -6.25 -1.54 18.09
N ILE A 72 -7.48 -1.23 17.78
CA ILE A 72 -8.53 -2.22 17.91
C ILE A 72 -9.44 -2.06 16.76
N GLY A 73 -9.63 -3.14 16.05
CA GLY A 73 -10.42 -3.04 14.82
C GLY A 73 -10.75 -4.39 14.20
N THR A 74 -11.28 -4.21 13.02
CA THR A 74 -11.55 -5.35 12.15
C THR A 74 -10.26 -5.80 11.44
N VAL A 75 -10.07 -7.12 11.52
CA VAL A 75 -9.04 -7.89 10.77
C VAL A 75 -9.73 -8.97 9.92
N LEU A 76 -9.23 -9.12 8.70
CA LEU A 76 -9.64 -10.19 7.78
C LEU A 76 -8.57 -11.27 7.77
N VAL A 77 -8.97 -12.51 7.90
CA VAL A 77 -7.97 -13.60 7.96
C VAL A 77 -8.09 -14.46 6.72
N GLY A 78 -7.00 -14.66 6.07
CA GLY A 78 -7.06 -15.47 4.87
C GLY A 78 -5.71 -15.83 4.30
N PRO A 79 -5.71 -16.49 3.12
CA PRO A 79 -4.47 -16.94 2.46
C PRO A 79 -3.77 -15.81 1.76
N THR A 80 -3.30 -14.91 2.59
CA THR A 80 -2.43 -13.81 2.12
C THR A 80 -0.94 -14.16 2.32
N PRO A 81 -0.06 -13.89 1.34
CA PRO A 81 1.37 -14.14 1.51
C PRO A 81 2.01 -13.32 2.61
N VAL A 82 1.46 -12.10 2.74
CA VAL A 82 1.95 -11.15 3.74
C VAL A 82 0.81 -10.61 4.66
N ASN A 83 1.12 -10.48 5.93
CA ASN A 83 0.26 -9.71 6.83
C ASN A 83 0.34 -8.21 6.48
N ILE A 84 -0.84 -7.65 6.23
CA ILE A 84 -0.99 -6.24 5.79
C ILE A 84 -1.69 -5.43 6.87
N ILE A 85 -1.00 -4.40 7.36
CA ILE A 85 -1.69 -3.38 8.20
C ILE A 85 -2.27 -2.23 7.38
N GLY A 86 -3.61 -2.21 7.29
CA GLY A 86 -4.27 -1.19 6.46
C GLY A 86 -4.66 0.05 7.21
N ARG A 87 -5.20 1.00 6.50
CA ARG A 87 -5.56 2.30 7.13
C ARG A 87 -6.54 2.29 8.34
N ASN A 88 -7.37 1.27 8.46
CA ASN A 88 -8.24 1.14 9.65
C ASN A 88 -7.51 1.04 11.00
N LEU A 89 -6.32 0.45 10.96
CA LEU A 89 -5.48 0.38 12.16
C LEU A 89 -4.38 1.49 12.20
N LEU A 90 -3.87 1.81 11.00
CA LEU A 90 -2.79 2.84 10.93
C LEU A 90 -3.20 4.24 11.48
N THR A 91 -4.45 4.64 11.14
CA THR A 91 -5.05 5.85 11.71
C THR A 91 -5.18 5.85 13.21
N GLN A 92 -5.38 4.67 13.77
CA GLN A 92 -5.41 4.57 15.23
C GLN A 92 -4.09 4.74 15.94
N ILE A 93 -3.00 4.38 15.25
CA ILE A 93 -1.66 4.56 15.86
C ILE A 93 -1.04 5.96 15.52
N GLY A 94 -1.85 6.81 14.90
CA GLY A 94 -1.40 8.17 14.58
C GLY A 94 -0.41 8.29 13.43
N CYS A 95 -0.45 7.35 12.44
CA CYS A 95 0.55 7.27 11.36
C CYS A 95 0.22 8.27 10.30
N THR A 96 1.19 9.01 9.83
CA THR A 96 1.00 9.92 8.68
C THR A 96 2.11 9.75 7.62
N LEU A 97 1.81 10.24 6.41
CA LEU A 97 2.82 10.39 5.38
C LEU A 97 3.34 11.78 5.35
N ASN A 98 4.64 11.95 5.25
CA ASN A 98 5.17 13.30 5.30
C ASN A 98 6.08 13.46 4.18
N PHE A 99 5.90 14.53 3.46
CA PHE A 99 6.82 14.86 2.39
C PHE A 99 7.72 15.98 2.88
N GLY A 100 8.94 16.04 2.35
CA GLY A 100 9.85 17.14 2.75
C GLY A 100 10.59 16.93 4.09
N GLY A 101 11.12 15.71 4.20
CA GLY A 101 12.12 15.38 5.25
C GLY A 101 11.55 15.03 6.63
N SER A 102 10.42 15.70 6.87
CA SER A 102 9.39 15.54 7.92
C SER A 102 8.68 16.90 8.10
N SER A 103 7.42 16.87 8.59
CA SER A 103 6.43 17.98 8.43
C SER A 103 6.99 19.41 8.12
N GLY A 104 7.07 19.83 6.87
CA GLY A 104 6.63 19.06 5.69
C GLY A 104 5.13 18.91 5.56
N PRO A 105 4.59 18.93 4.34
CA PRO A 105 3.26 18.39 4.14
C PRO A 105 3.05 17.05 4.83
N GLN A 106 1.98 17.06 5.60
CA GLN A 106 1.57 15.91 6.36
C GLN A 106 0.19 15.41 5.91
N ILE A 107 0.16 14.11 5.57
CA ILE A 107 -1.04 13.38 5.09
C ILE A 107 -1.49 12.30 6.08
N THR A 108 -2.72 12.53 6.50
CA THR A 108 -3.41 11.57 7.33
C THR A 108 -4.08 10.48 6.47
N LEU A 109 -4.44 9.42 7.13
CA LEU A 109 -4.89 8.24 6.42
C LEU A 109 -6.36 7.96 6.72
N TRP A 110 -7.07 8.99 7.19
CA TRP A 110 -8.49 8.77 7.49
C TRP A 110 -9.28 8.54 6.23
N GLN A 111 -8.75 9.15 5.20
CA GLN A 111 -9.19 8.69 3.91
C GLN A 111 -8.05 8.23 3.04
N ARG A 112 -8.43 7.65 1.89
CA ARG A 112 -7.46 7.11 0.95
C ARG A 112 -6.49 8.19 0.47
N PRO A 113 -5.17 7.90 0.56
CA PRO A 113 -4.20 8.90 0.15
C PRO A 113 -4.05 9.08 -1.34
N LEU A 114 -5.13 9.63 -1.91
CA LEU A 114 -5.21 10.03 -3.32
C LEU A 114 -4.70 11.43 -3.60
N VAL A 115 -3.80 11.48 -4.57
CA VAL A 115 -3.23 12.73 -5.04
C VAL A 115 -3.29 12.80 -6.56
N THR A 116 -3.20 14.02 -7.07
CA THR A 116 -3.03 14.27 -8.50
C THR A 116 -1.57 14.14 -8.97
N ILE A 117 -1.39 13.39 -10.04
CA ILE A 117 -0.09 13.22 -10.65
C ILE A 117 -0.15 13.76 -12.07
N LYS A 118 0.96 14.28 -12.53
CA LYS A 118 1.03 14.64 -13.93
C LYS A 118 2.01 13.74 -14.62
N ILE A 119 1.49 13.04 -15.60
CA ILE A 119 2.27 12.07 -16.35
C ILE A 119 1.98 12.26 -17.81
N GLY A 120 3.07 12.31 -18.56
CA GLY A 120 3.18 13.08 -19.80
C GLY A 120 2.01 13.05 -20.77
N GLY A 121 1.18 14.08 -20.84
CA GLY A 121 1.07 15.25 -19.97
C GLY A 121 -0.35 15.37 -19.50
N GLN A 122 -0.83 14.27 -18.98
CA GLN A 122 -2.11 14.21 -18.34
C GLN A 122 -2.05 14.30 -16.83
N LEU A 123 -3.12 14.80 -16.29
CA LEU A 123 -3.36 14.60 -14.88
C LEU A 123 -4.19 13.33 -14.65
N LYS A 124 -3.72 12.53 -13.70
CA LYS A 124 -4.41 11.35 -13.16
C LYS A 124 -4.44 11.44 -11.65
N GLU A 125 -5.26 10.68 -11.00
CA GLU A 125 -4.90 10.45 -9.61
C GLU A 125 -4.56 9.06 -9.24
N ALA A 126 -3.75 8.98 -8.22
CA ALA A 126 -3.09 7.76 -7.83
C ALA A 126 -3.04 7.68 -6.35
N LEU A 127 -2.94 6.48 -5.92
CA LEU A 127 -2.85 6.19 -4.51
C LEU A 127 -1.37 6.17 -4.07
N LEU A 128 -1.04 6.89 -3.00
CA LEU A 128 0.30 6.77 -2.41
C LEU A 128 0.40 5.51 -1.57
N ASP A 129 1.22 4.59 -2.03
CA ASP A 129 1.06 3.22 -1.49
C ASP A 129 2.39 2.64 -0.93
N THR A 130 2.57 2.68 0.37
CA THR A 130 3.85 2.24 0.94
C THR A 130 4.07 0.75 0.95
N GLY A 131 3.00 0.01 0.71
CA GLY A 131 3.07 -1.45 0.56
C GLY A 131 3.45 -2.02 -0.84
N ALA A 132 3.51 -1.17 -1.83
CA ALA A 132 3.88 -1.54 -3.17
C ALA A 132 5.37 -1.30 -3.45
N ASP A 133 6.06 -2.38 -3.90
CA ASP A 133 7.40 -2.16 -4.50
C ASP A 133 7.43 -1.24 -5.73
N ASP A 134 6.42 -1.39 -6.56
CA ASP A 134 6.40 -0.70 -7.85
C ASP A 134 5.17 0.18 -8.03
N THR A 135 5.32 1.01 -9.04
CA THR A 135 4.31 1.95 -9.54
C THR A 135 3.66 1.34 -10.78
N VAL A 136 2.34 1.18 -10.67
CA VAL A 136 1.39 0.63 -11.67
C VAL A 136 0.27 1.63 -12.06
N LEU A 137 0.26 2.08 -13.29
CA LEU A 137 -0.80 2.96 -13.78
C LEU A 137 -1.77 2.21 -14.68
N GLU A 138 -3.00 2.65 -14.71
CA GLU A 138 -3.92 2.27 -15.78
C GLU A 138 -3.33 2.32 -17.15
N GLU A 139 -3.91 1.47 -17.97
CA GLU A 139 -3.69 1.57 -19.40
C GLU A 139 -3.69 2.99 -19.99
N MET A 140 -2.50 3.38 -20.46
CA MET A 140 -2.26 4.62 -21.20
C MET A 140 -1.15 4.47 -22.28
N SER A 141 -1.07 5.49 -23.14
CA SER A 141 0.03 5.61 -24.11
C SER A 141 1.15 6.41 -23.57
N LEU A 142 2.26 5.77 -23.29
CA LEU A 142 3.48 6.54 -23.01
C LEU A 142 4.41 6.44 -24.24
N PRO A 143 5.11 7.55 -24.61
CA PRO A 143 6.07 7.46 -25.68
C PRO A 143 7.28 6.70 -25.11
N GLY A 144 7.93 5.92 -25.99
CA GLY A 144 9.11 5.06 -25.62
C GLY A 144 8.93 3.54 -25.81
N ARG A 145 10.05 2.80 -25.78
CA ARG A 145 9.92 1.33 -25.83
C ARG A 145 9.65 0.75 -24.46
N TRP A 146 8.91 -0.31 -24.46
CA TRP A 146 8.63 -1.05 -23.25
C TRP A 146 8.97 -2.52 -23.44
N LYS A 147 8.89 -3.23 -22.35
CA LYS A 147 8.91 -4.69 -22.41
C LYS A 147 7.78 -5.30 -21.57
N PRO A 148 7.23 -6.45 -21.99
CA PRO A 148 6.30 -7.16 -21.13
C PRO A 148 6.86 -7.54 -19.73
N LYS A 149 6.04 -7.39 -18.70
CA LYS A 149 6.39 -7.96 -17.41
C LYS A 149 5.15 -8.45 -16.67
N MET A 150 5.37 -9.28 -15.66
CA MET A 150 4.31 -9.77 -14.82
C MET A 150 4.45 -9.26 -13.40
N ILE A 151 3.37 -8.78 -12.80
CA ILE A 151 3.39 -8.39 -11.38
C ILE A 151 2.22 -8.98 -10.65
N GLY A 152 2.34 -9.16 -9.37
CA GLY A 152 1.20 -9.71 -8.63
C GLY A 152 0.96 -9.02 -7.33
N GLY A 153 -0.13 -9.43 -6.72
CA GLY A 153 -0.64 -8.80 -5.52
C GLY A 153 -1.60 -9.73 -4.90
N ILE A 154 -2.59 -9.20 -4.17
CA ILE A 154 -3.77 -10.02 -3.81
C ILE A 154 -4.51 -10.41 -5.07
N GLY A 155 -4.88 -11.66 -5.02
CA GLY A 155 -5.60 -12.24 -6.16
C GLY A 155 -4.76 -12.77 -7.29
N GLY A 156 -3.50 -12.36 -7.37
CA GLY A 156 -2.64 -13.00 -8.37
C GLY A 156 -1.84 -12.04 -9.19
N PHE A 157 -1.58 -12.46 -10.43
CA PHE A 157 -0.64 -11.81 -11.35
C PHE A 157 -1.35 -11.14 -12.45
N ILE A 158 -0.83 -9.97 -12.79
CA ILE A 158 -1.21 -9.28 -14.00
C ILE A 158 0.00 -9.09 -14.94
N LYS A 159 -0.32 -9.02 -16.23
CA LYS A 159 0.64 -8.64 -17.24
C LYS A 159 0.62 -7.13 -17.36
N VAL A 160 1.83 -6.60 -17.31
CA VAL A 160 2.08 -5.19 -17.50
C VAL A 160 3.11 -4.93 -18.60
N ARG A 161 3.08 -3.69 -19.08
CA ARG A 161 4.15 -3.11 -19.89
C ARG A 161 5.03 -2.23 -19.07
N GLN A 162 6.30 -2.53 -19.11
CA GLN A 162 7.27 -1.71 -18.39
C GLN A 162 7.98 -0.65 -19.23
N TYR A 163 7.89 0.59 -18.75
CA TYR A 163 8.66 1.73 -19.25
C TYR A 163 9.62 2.23 -18.16
N ASP A 164 10.86 2.43 -18.58
CA ASP A 164 11.92 2.92 -17.70
C ASP A 164 12.20 4.39 -17.94
N GLN A 165 12.73 5.06 -16.91
CA GLN A 165 13.15 6.48 -17.00
C GLN A 165 12.08 7.54 -17.45
N ILE A 166 10.87 7.29 -16.98
CA ILE A 166 9.75 8.15 -17.25
C ILE A 166 9.63 9.24 -16.22
N LEU A 167 9.36 10.44 -16.69
CA LEU A 167 9.14 11.57 -15.77
C LEU A 167 7.69 11.65 -15.31
N ILE A 168 7.57 11.86 -14.02
CA ILE A 168 6.28 11.94 -13.34
C ILE A 168 6.31 13.06 -12.27
N GLU A 169 5.24 13.83 -12.15
CA GLU A 169 5.15 14.81 -11.06
C GLU A 169 4.12 14.42 -10.03
N ILE A 170 4.54 14.23 -8.83
CA ILE A 170 3.64 13.79 -7.77
C ILE A 170 3.49 14.93 -6.80
N CYS A 171 2.29 15.54 -6.72
CA CYS A 171 2.14 16.73 -5.85
C CYS A 171 3.17 17.87 -6.10
N GLY A 172 3.45 18.15 -7.37
CA GLY A 172 4.56 19.09 -7.60
C GLY A 172 6.00 18.59 -7.38
N HIS A 173 6.20 17.36 -6.92
CA HIS A 173 7.54 16.77 -6.90
C HIS A 173 7.85 16.02 -8.16
N LYS A 174 9.00 16.28 -8.77
CA LYS A 174 9.53 15.38 -9.83
C LYS A 174 10.24 14.08 -9.33
N ALA A 175 9.92 13.05 -10.12
CA ALA A 175 10.46 11.70 -10.04
C ALA A 175 10.74 11.28 -11.47
N ILE A 176 11.82 10.54 -11.62
CA ILE A 176 12.21 9.92 -12.89
C ILE A 176 12.48 8.46 -12.60
N GLY A 177 11.58 7.64 -13.11
CA GLY A 177 11.66 6.22 -12.73
C GLY A 177 10.84 5.27 -13.61
N THR A 178 10.82 4.04 -13.15
CA THR A 178 10.07 3.01 -13.87
C THR A 178 8.60 3.08 -13.55
N VAL A 179 7.84 3.06 -14.63
CA VAL A 179 6.39 2.91 -14.48
C VAL A 179 5.86 1.69 -15.27
N LEU A 180 5.11 0.88 -14.55
CA LEU A 180 4.39 -0.21 -15.17
C LEU A 180 2.99 0.27 -15.58
N VAL A 181 2.56 -0.10 -16.79
CA VAL A 181 1.21 0.15 -17.32
C VAL A 181 0.41 -1.17 -17.61
N GLY A 182 -0.78 -1.24 -17.06
CA GLY A 182 -1.66 -2.38 -17.28
C GLY A 182 -3.02 -2.25 -16.61
N PRO A 183 -3.75 -3.36 -16.54
CA PRO A 183 -5.14 -3.35 -16.04
C PRO A 183 -5.23 -3.43 -14.52
N THR A 184 -4.73 -2.36 -13.93
CA THR A 184 -4.83 -2.18 -12.48
C THR A 184 -6.18 -1.52 -12.13
N PRO A 185 -6.87 -1.97 -11.07
CA PRO A 185 -8.06 -1.27 -10.64
C PRO A 185 -7.85 0.20 -10.31
N VAL A 186 -6.69 0.53 -9.77
CA VAL A 186 -6.32 1.90 -9.28
C VAL A 186 -4.89 2.27 -9.73
N ASN A 187 -4.62 3.54 -10.03
CA ASN A 187 -3.22 3.98 -10.19
C ASN A 187 -2.46 3.97 -8.86
N ILE A 188 -1.36 3.26 -8.81
CA ILE A 188 -0.61 3.05 -7.56
C ILE A 188 0.76 3.72 -7.70
N ILE A 189 1.10 4.61 -6.76
CA ILE A 189 2.49 5.05 -6.65
C ILE A 189 3.20 4.19 -5.58
N GLY A 190 4.25 3.47 -5.98
CA GLY A 190 4.95 2.61 -5.03
C GLY A 190 6.25 3.20 -4.51
N ARG A 191 6.92 2.39 -3.71
CA ARG A 191 8.19 2.78 -3.05
C ARG A 191 9.31 3.28 -3.96
N ASN A 192 9.38 2.75 -5.18
CA ASN A 192 10.34 3.25 -6.16
C ASN A 192 10.29 4.82 -6.45
N LEU A 193 9.08 5.39 -6.42
CA LEU A 193 8.94 6.83 -6.66
C LEU A 193 8.72 7.54 -5.31
N LEU A 194 8.00 6.90 -4.39
CA LEU A 194 7.83 7.47 -3.03
C LEU A 194 9.16 7.95 -2.38
N THR A 195 10.19 7.12 -2.53
CA THR A 195 11.56 7.44 -2.03
C THR A 195 12.27 8.60 -2.72
N GLN A 196 12.03 8.74 -4.01
CA GLN A 196 12.55 9.86 -4.78
C GLN A 196 12.00 11.18 -4.28
N ILE A 197 10.68 11.21 -3.97
CA ILE A 197 9.99 12.43 -3.44
C ILE A 197 10.03 12.62 -1.89
N GLY A 198 10.92 11.88 -1.25
CA GLY A 198 11.16 12.13 0.17
C GLY A 198 10.04 11.82 1.16
N CYS A 199 9.25 10.82 0.80
CA CYS A 199 8.15 10.33 1.63
C CYS A 199 8.61 9.39 2.73
N THR A 200 8.12 9.64 3.93
CA THR A 200 8.34 8.79 5.12
C THR A 200 7.04 8.55 5.80
N LEU A 201 7.03 7.51 6.58
CA LEU A 201 5.97 7.30 7.52
C LEU A 201 6.42 7.76 8.89
N ASN A 202 5.53 8.47 9.53
CA ASN A 202 5.79 8.89 10.90
C ASN A 202 4.61 8.56 11.80
N PHE A 203 4.95 8.25 13.03
CA PHE A 203 4.02 8.27 14.16
C PHE A 203 4.75 8.73 15.49
C1 A79 B . 3.97 -5.99 -4.58
O2 A79 B . 4.51 -4.95 -4.26
N3 A79 B . 4.52 -7.18 -4.30
C4 A79 B . 3.82 -8.45 -4.49
C5 A79 B . 5.85 -7.21 -3.71
C6 A79 B . 5.83 -7.35 -2.22
C7 A79 B . 6.22 -8.55 -1.65
N8 A79 B . 5.43 -6.29 -1.53
C9 A79 B . 6.18 -8.66 -0.28
C10 A79 B . 5.37 -6.43 -0.21
C11 A79 B . 5.75 -7.58 0.44
N21 A79 B . 2.81 -6.01 -5.22
C22 A79 B . 2.02 -4.78 -5.39
C23 A79 B . 0.74 -4.88 -4.53
O24 A79 B . -0.29 -5.41 -4.93
C25 A79 B . 1.76 -4.46 -6.87
C26 A79 B . 3.04 -4.37 -7.71
C27 A79 B . 0.96 -3.16 -7.02
N37 A79 B . 0.86 -4.34 -3.29
C38 A79 B . -0.23 -4.27 -2.32
C39 A79 B . 0.07 -5.06 -1.05
C40 A79 B . 0.54 -6.50 -1.25
C41 A79 B . -0.37 -7.53 -1.33
C42 A79 B . 0.04 -8.84 -1.43
C43 A79 B . 1.37 -9.12 -1.44
C44 A79 B . 2.29 -8.11 -1.38
C45 A79 B . 1.89 -6.79 -1.29
C46 A79 B . -0.62 -2.78 -2.10
O47 A79 B . 0.42 -2.20 -1.35
O48 A79 B . -2.16 -1.38 -0.80
C49 A79 B . -1.98 -2.62 -1.44
N50 A79 B . -4.35 -2.98 -1.67
C51 A79 B . -3.15 -2.71 -2.43
C52 A79 B . -3.38 -1.50 -3.30
C53 A79 B . -4.53 -1.74 -4.25
C54 A79 B . -4.38 -2.53 -5.38
C55 A79 B . -5.44 -2.75 -6.25
C56 A79 B . -6.68 -2.19 -6.02
C57 A79 B . -6.83 -1.41 -4.90
C58 A79 B . -5.78 -1.18 -4.03
N81 A79 B . -7.32 -3.76 -1.29
C82 A79 B . -6.13 -4.22 -0.59
C83 A79 B . -4.92 -4.17 -1.56
O84 A79 B . -4.50 -5.10 -2.22
C85 A79 B . -6.40 -5.55 0.11
C86 A79 B . -7.57 -5.40 1.10
C87 A79 B . -5.16 -6.07 0.84
C97 A79 B . -7.94 -2.64 -1.01
O98 A79 B . -7.62 -1.96 -0.06
N99 A79 B . -8.97 -2.32 -1.82
C2 A79 B . -9.29 -3.10 -3.06
C3 A79 B . -9.80 -1.13 -1.53
C8 A79 B . -9.30 0.10 -2.24
C12 A79 B . -9.89 0.48 -3.42
N10 A79 B . -8.29 0.74 -1.66
C13 A79 B . -9.41 1.57 -4.08
C14 A79 B . -7.85 1.77 -2.33
C15 A79 B . -8.36 2.23 -3.51
H12 A79 B . 3.75 -8.70 -5.55
H13 A79 B . 2.81 -8.41 -4.09
H14 A79 B . 4.34 -9.27 -3.99
H15 A79 B . 6.41 -6.31 -3.97
H16 A79 B . 6.42 -8.03 -4.16
H17 A79 B . 6.53 -9.37 -2.28
H18 A79 B . 6.47 -9.58 0.23
H19 A79 B . 5.02 -5.58 0.36
H20 A79 B . 5.67 -7.62 1.52
H28 A79 B . 2.49 -6.89 -5.56
H29 A79 B . 2.57 -3.92 -4.99
H30 A79 B . 1.16 -5.28 -7.28
H31 A79 B . 2.81 -4.10 -8.74
H32 A79 B . 3.57 -5.32 -7.73
H33 A79 B . 3.72 -3.62 -7.32
H34 A79 B . 1.55 -2.30 -6.70
H35 A79 B . 0.04 -3.17 -6.44
H36 A79 B . 0.67 -3.00 -8.05
H59 A79 B . 1.78 -4.04 -3.05
H60 A79 B . -1.12 -4.74 -2.76
H61 A79 B . -0.83 -5.08 -0.41
H62 A79 B . 0.81 -4.55 -0.44
H63 A79 B . -1.42 -7.29 -1.30
H64 A79 B . -0.69 -9.64 -1.47
H65 A79 B . 1.71 -10.15 -1.53
H66 A79 B . 3.34 -8.36 -1.40
H67 A79 B . 2.62 -6.00 -1.26
H68 A79 B . -0.61 -2.24 -3.05
H69 A79 B . 1.02 -2.93 -1.19
H70 A79 B . -3.03 -1.10 -1.09
H71 A79 B . -2.09 -3.37 -0.66
H72 A79 B . -4.84 -2.23 -1.21
H73 A79 B . -2.94 -3.55 -3.09
H74 A79 B . -3.58 -0.59 -2.72
H75 A79 B . -2.48 -1.28 -3.90
H76 A79 B . -3.41 -2.98 -5.58
H77 A79 B . -5.29 -3.37 -7.12
H78 A79 B . -7.51 -2.37 -6.67
H79 A79 B . -7.80 -0.97 -4.70
H80 A79 B . -5.94 -0.55 -3.15
H88 A79 B . -7.70 -4.31 -2.04
H89 A79 B . -5.87 -3.51 0.20
H90 A79 B . -6.68 -6.27 -0.65
H91 A79 B . -8.51 -5.17 0.59
H92 A79 B . -7.38 -4.61 1.82
H93 A79 B . -7.74 -6.33 1.65
H94 A79 B . -5.35 -7.08 1.24
H95 A79 B . -4.90 -5.42 1.67
H96 A79 B . -4.30 -6.15 0.19
H1 A79 B . -9.76 -4.05 -2.79
H10 A79 B . -8.39 -3.31 -3.64
H11 A79 B . -9.98 -2.55 -3.70
H2 A79 B . -10.84 -1.34 -1.80
H3 A79 B . -9.81 -0.95 -0.45
H4 A79 B . -10.71 -0.11 -3.82
H5 A79 B . -9.83 1.88 -5.04
H6 A79 B . -7.00 2.30 -1.90
H7 A79 B . -7.92 3.08 -3.99
#